data_6VCQ
#
_entry.id   6VCQ
#
_cell.length_a   60.671
_cell.length_b   60.671
_cell.length_c   74.265
_cell.angle_alpha   90.000
_cell.angle_beta   90.000
_cell.angle_gamma   120.000
#
_symmetry.space_group_name_H-M   'P 31 2 1'
#
loop_
_entity.id
_entity.type
_entity.pdbx_description
1 polymer 'RNA pyrophosphohydrolase'
2 non-polymer "GUANOSINE-5'-TRIPHOSPHATE"
3 non-polymer 'SULFATE ION'
4 water water
#
_entity_poly.entity_id   1
_entity_poly.type   'polypeptide(L)'
_entity_poly.pdbx_seq_one_letter_code
;SMIDDDGYRPNVGIVICNRQGQVMWARRFGQHSWQFPQGGINPGESAEQAMYRELFEEVGLSRKDVRILASTRNWLRYKL
PKRLVRWDTKPVCIGQKQKWFLLQLVSGDAEINMQTSSTPEFDGWRWVSYWYPVRQVVSFKRDVYRRVMAAFASVVMSLQ
E
;
_entity_poly.pdbx_strand_id   A
#
# COMPACT_ATOMS: atom_id res chain seq x y z
N ILE A 3 23.14 0.10 -2.31
CA ILE A 3 23.11 -0.65 -1.06
C ILE A 3 22.06 -1.75 -1.16
N ASP A 4 22.45 -2.99 -0.82
CA ASP A 4 21.56 -4.14 -0.81
C ASP A 4 20.89 -4.35 -2.18
N ASP A 5 21.72 -4.27 -3.24
CA ASP A 5 21.23 -4.55 -4.58
C ASP A 5 20.95 -6.04 -4.69
N ASP A 6 19.72 -6.45 -4.38
CA ASP A 6 19.37 -7.86 -4.25
C ASP A 6 18.30 -8.28 -5.23
N GLY A 7 17.96 -7.45 -6.20
CA GLY A 7 16.90 -7.72 -7.16
C GLY A 7 15.52 -7.30 -6.70
N TYR A 8 15.38 -6.78 -5.49
CA TYR A 8 14.09 -6.39 -4.94
C TYR A 8 14.01 -4.87 -4.88
N ARG A 9 12.96 -4.32 -5.46
CA ARG A 9 12.79 -2.87 -5.57
C ARG A 9 12.25 -2.31 -4.26
N PRO A 10 12.87 -1.28 -3.70
CA PRO A 10 12.31 -0.64 -2.49
C PRO A 10 10.96 -0.02 -2.77
N ASN A 11 10.02 -0.27 -1.87
CA ASN A 11 8.61 -0.01 -2.12
C ASN A 11 7.95 0.25 -0.78
N VAL A 12 6.87 1.04 -0.77
CA VAL A 12 6.13 1.33 0.45
C VAL A 12 4.63 1.14 0.18
N GLY A 13 3.95 0.48 1.12
CA GLY A 13 2.53 0.26 1.01
C GLY A 13 1.76 0.95 2.13
N ILE A 14 0.46 1.16 1.92
CA ILE A 14 -0.38 1.93 2.83
C ILE A 14 -1.64 1.15 3.17
N VAL A 15 -1.89 0.97 4.47
CA VAL A 15 -3.15 0.47 4.99
C VAL A 15 -3.85 1.64 5.67
N ILE A 16 -4.97 2.07 5.12
CA ILE A 16 -5.80 3.12 5.70
C ILE A 16 -6.95 2.46 6.45
N CYS A 17 -7.14 2.83 7.71
CA CYS A 17 -8.21 2.23 8.51
C CYS A 17 -9.16 3.31 9.05
N ASN A 18 -10.30 2.85 9.55
CA ASN A 18 -11.22 3.70 10.32
C ASN A 18 -11.34 3.13 11.74
N ARG A 19 -12.33 3.61 12.50
CA ARG A 19 -12.49 3.18 13.88
C ARG A 19 -13.42 1.98 14.04
N GLN A 20 -13.80 1.33 12.94
CA GLN A 20 -14.67 0.16 13.00
C GLN A 20 -13.96 -1.12 12.56
N GLY A 21 -12.63 -1.15 12.63
CA GLY A 21 -11.92 -2.34 12.23
C GLY A 21 -11.93 -2.62 10.75
N GLN A 22 -12.19 -1.60 9.92
CA GLN A 22 -12.21 -1.74 8.47
C GLN A 22 -10.99 -1.05 7.87
N VAL A 23 -10.66 -1.45 6.64
CA VAL A 23 -9.53 -0.86 5.93
C VAL A 23 -9.96 -0.52 4.50
N MET A 24 -9.26 0.45 3.90
CA MET A 24 -9.58 0.93 2.56
C MET A 24 -8.95 0.04 1.50
N TRP A 25 -9.78 -0.42 0.57
CA TRP A 25 -9.44 -1.37 -0.49
C TRP A 25 -9.66 -0.66 -1.81
N ALA A 26 -8.66 -0.65 -2.70
CA ALA A 26 -8.75 0.16 -3.91
C ALA A 26 -8.71 -0.69 -5.16
N ARG A 27 -9.46 -0.27 -6.19
CA ARG A 27 -9.58 -1.02 -7.44
C ARG A 27 -8.64 -0.44 -8.49
N ARG A 28 -7.77 -1.28 -9.04
CA ARG A 28 -6.82 -0.83 -10.04
C ARG A 28 -7.54 -0.32 -11.28
N PHE A 29 -7.06 0.81 -11.80
CA PHE A 29 -7.75 1.55 -12.85
C PHE A 29 -8.05 0.68 -14.07
N GLY A 30 -9.32 0.71 -14.50
CA GLY A 30 -9.74 -0.05 -15.66
C GLY A 30 -9.69 -1.54 -15.50
N GLN A 31 -9.57 -2.04 -14.27
CA GLN A 31 -9.49 -3.46 -14.00
C GLN A 31 -10.52 -3.82 -12.95
N HIS A 32 -10.60 -5.10 -12.64
CA HIS A 32 -11.46 -5.59 -11.57
C HIS A 32 -10.63 -6.28 -10.49
N SER A 33 -9.36 -5.93 -10.39
CA SER A 33 -8.47 -6.40 -9.34
C SER A 33 -8.22 -5.26 -8.36
N TRP A 34 -8.00 -5.63 -7.11
CA TRP A 34 -7.97 -4.69 -6.01
C TRP A 34 -6.68 -4.89 -5.21
N GLN A 35 -6.23 -3.83 -4.55
CA GLN A 35 -4.99 -3.88 -3.76
C GLN A 35 -4.97 -2.68 -2.82
N PHE A 36 -4.02 -2.70 -1.88
CA PHE A 36 -3.69 -1.49 -1.13
C PHE A 36 -2.83 -0.56 -1.98
N PRO A 37 -2.88 0.76 -1.75
CA PRO A 37 -1.91 1.66 -2.38
C PRO A 37 -0.48 1.23 -2.07
N GLN A 38 0.36 1.23 -3.10
CA GLN A 38 1.79 0.99 -2.92
C GLN A 38 2.56 1.69 -4.04
N GLY A 39 3.88 1.73 -3.89
CA GLY A 39 4.70 2.33 -4.94
C GLY A 39 6.15 2.38 -4.53
N GLY A 40 6.99 2.72 -5.50
CA GLY A 40 8.42 2.73 -5.25
C GLY A 40 8.86 3.83 -4.32
N ILE A 41 9.92 3.55 -3.56
CA ILE A 41 10.63 4.57 -2.80
C ILE A 41 11.75 5.07 -3.69
N ASN A 42 11.75 6.36 -4.00
CA ASN A 42 12.68 6.92 -4.96
C ASN A 42 14.04 7.20 -4.30
N PRO A 43 15.11 7.24 -5.08
CA PRO A 43 16.42 7.59 -4.51
C PRO A 43 16.35 8.82 -3.64
N GLY A 44 16.96 8.74 -2.46
CA GLY A 44 17.00 9.85 -1.55
C GLY A 44 15.79 10.02 -0.65
N GLU A 45 14.67 9.35 -0.93
CA GLU A 45 13.48 9.46 -0.09
C GLU A 45 13.53 8.46 1.06
N SER A 46 13.07 8.91 2.23
CA SER A 46 12.71 7.91 3.25
C SER A 46 11.43 7.20 2.84
N ALA A 47 11.21 6.00 3.40
CA ALA A 47 9.93 5.34 3.15
C ALA A 47 8.74 6.22 3.55
N GLU A 48 8.85 6.95 4.66
CA GLU A 48 7.73 7.80 5.07
C GLU A 48 7.45 8.89 4.04
N GLN A 49 8.52 9.48 3.48
CA GLN A 49 8.33 10.52 2.48
C GLN A 49 7.71 9.96 1.21
N ALA A 50 8.17 8.78 0.78
CA ALA A 50 7.57 8.13 -0.38
C ALA A 50 6.12 7.81 -0.09
N MET A 51 5.83 7.39 1.14
CA MET A 51 4.46 7.09 1.52
C MET A 51 3.57 8.32 1.33
N TYR A 52 4.00 9.47 1.84
CA TYR A 52 3.13 10.64 1.75
C TYR A 52 2.97 11.10 0.31
N ARG A 53 4.03 10.96 -0.50
CA ARG A 53 3.91 11.32 -1.91
C ARG A 53 2.87 10.44 -2.61
N GLU A 54 2.99 9.12 -2.44
CA GLU A 54 2.04 8.23 -3.13
C GLU A 54 0.66 8.28 -2.47
N LEU A 55 0.58 8.60 -1.17
CA LEU A 55 -0.72 8.79 -0.55
C LEU A 55 -1.51 9.86 -1.29
N PHE A 56 -0.86 10.98 -1.61
CA PHE A 56 -1.59 12.02 -2.33
C PHE A 56 -1.77 11.67 -3.80
N GLU A 57 -0.74 11.09 -4.42
CA GLU A 57 -0.84 10.78 -5.85
C GLU A 57 -1.90 9.73 -6.12
N GLU A 58 -2.04 8.74 -5.22
CA GLU A 58 -2.94 7.62 -5.46
C GLU A 58 -4.29 7.77 -4.80
N VAL A 59 -4.35 8.47 -3.66
CA VAL A 59 -5.58 8.56 -2.87
C VAL A 59 -6.01 10.01 -2.63
N GLY A 60 -5.21 11.01 -2.98
CA GLY A 60 -5.64 12.37 -2.79
C GLY A 60 -5.65 12.86 -1.37
N LEU A 61 -5.01 12.14 -0.45
CA LEU A 61 -4.97 12.51 0.96
C LEU A 61 -3.61 13.10 1.34
N SER A 62 -3.62 14.01 2.32
CA SER A 62 -2.37 14.56 2.86
C SER A 62 -2.35 14.40 4.37
N ARG A 63 -1.28 14.91 5.00
CA ARG A 63 -1.07 14.67 6.43
C ARG A 63 -2.25 15.14 7.26
N LYS A 64 -2.87 16.27 6.87
CA LYS A 64 -4.02 16.78 7.62
C LYS A 64 -5.18 15.80 7.66
N ASP A 65 -5.23 14.85 6.73
CA ASP A 65 -6.36 13.92 6.62
C ASP A 65 -6.16 12.64 7.41
N VAL A 66 -4.96 12.37 7.90
CA VAL A 66 -4.62 11.06 8.43
C VAL A 66 -3.77 11.22 9.69
N ARG A 67 -3.63 10.11 10.42
CA ARG A 67 -2.62 9.95 11.45
C ARG A 67 -1.83 8.69 11.15
N ILE A 68 -0.51 8.78 11.13
CA ILE A 68 0.28 7.56 11.04
C ILE A 68 0.23 6.89 12.41
N LEU A 69 -0.40 5.73 12.47
CA LEU A 69 -0.57 5.00 13.72
C LEU A 69 0.55 4.01 13.97
N ALA A 70 1.18 3.51 12.92
CA ALA A 70 2.18 2.46 13.02
C ALA A 70 2.89 2.32 11.68
N SER A 71 4.09 1.76 11.72
CA SER A 71 4.86 1.44 10.53
C SER A 71 5.66 0.17 10.80
N THR A 72 5.98 -0.57 9.75
CA THR A 72 6.85 -1.73 9.88
C THR A 72 8.29 -1.27 9.72
N ARG A 73 9.18 -1.86 10.50
CA ARG A 73 10.58 -1.48 10.46
C ARG A 73 11.38 -2.27 9.44
N ASN A 74 11.03 -3.53 9.23
CA ASN A 74 11.79 -4.42 8.38
C ASN A 74 11.07 -4.66 7.06
N TRP A 75 11.85 -5.00 6.03
CA TRP A 75 11.29 -5.32 4.74
C TRP A 75 10.42 -6.56 4.78
N LEU A 76 9.34 -6.53 4.02
CA LEU A 76 8.60 -7.72 3.60
C LEU A 76 8.75 -7.84 2.09
N ARG A 77 9.18 -9.01 1.61
CA ARG A 77 9.53 -9.20 0.21
C ARG A 77 8.54 -10.14 -0.48
N TYR A 78 8.22 -9.84 -1.73
CA TYR A 78 7.52 -10.78 -2.58
C TYR A 78 8.16 -10.82 -3.95
N LYS A 79 8.04 -11.97 -4.60
CA LYS A 79 8.58 -12.20 -5.94
C LYS A 79 7.48 -11.98 -6.99
N LEU A 80 7.86 -11.36 -8.10
CA LEU A 80 6.97 -11.32 -9.24
C LEU A 80 6.83 -12.72 -9.84
N PRO A 81 5.69 -13.04 -10.45
CA PRO A 81 5.64 -14.23 -11.30
C PRO A 81 6.72 -14.12 -12.37
N LYS A 82 7.36 -15.24 -12.67
CA LYS A 82 8.49 -15.22 -13.60
C LYS A 82 8.12 -14.56 -14.91
N ARG A 83 6.89 -14.77 -15.38
CA ARG A 83 6.47 -14.23 -16.67
C ARG A 83 6.45 -12.71 -16.69
N LEU A 84 6.41 -12.06 -15.52
CA LEU A 84 6.30 -10.60 -15.45
C LEU A 84 7.62 -9.89 -15.22
N VAL A 85 8.71 -10.63 -14.99
CA VAL A 85 10.01 -10.01 -14.82
C VAL A 85 10.48 -9.42 -16.14
N ARG A 86 11.00 -8.20 -16.10
CA ARG A 86 11.53 -7.52 -17.28
C ARG A 86 13.06 -7.52 -17.16
N TRP A 87 13.71 -8.47 -17.84
CA TRP A 87 15.14 -8.66 -17.65
C TRP A 87 15.99 -7.63 -18.36
N ASP A 88 15.43 -6.84 -19.26
CA ASP A 88 16.20 -5.87 -20.03
C ASP A 88 15.96 -4.43 -19.60
N THR A 89 15.32 -4.23 -18.45
CA THR A 89 15.03 -2.89 -17.96
C THR A 89 15.75 -2.72 -16.63
N LYS A 90 16.82 -1.93 -16.64
CA LYS A 90 17.59 -1.73 -15.41
C LYS A 90 17.05 -0.52 -14.64
N PRO A 91 17.01 -0.59 -13.29
CA PRO A 91 17.49 -1.74 -12.50
C PRO A 91 16.50 -2.91 -12.55
N VAL A 92 16.97 -4.07 -13.01
CA VAL A 92 16.11 -5.24 -13.07
C VAL A 92 15.66 -5.61 -11.66
N CYS A 93 14.38 -5.88 -11.50
CA CYS A 93 13.87 -6.38 -10.23
C CYS A 93 13.07 -7.66 -10.44
N ILE A 94 13.32 -8.64 -9.58
CA ILE A 94 12.54 -9.87 -9.55
C ILE A 94 11.42 -9.81 -8.54
N GLY A 95 11.27 -8.69 -7.83
CA GLY A 95 10.27 -8.58 -6.79
C GLY A 95 10.39 -7.22 -6.13
N GLN A 96 9.60 -7.02 -5.08
CA GLN A 96 9.65 -5.78 -4.32
C GLN A 96 9.88 -6.09 -2.84
N LYS A 97 10.61 -5.21 -2.18
CA LYS A 97 10.77 -5.26 -0.73
C LYS A 97 10.05 -4.05 -0.17
N GLN A 98 9.11 -4.28 0.76
CA GLN A 98 8.17 -3.24 1.16
C GLN A 98 8.28 -2.88 2.63
N LYS A 99 8.21 -1.58 2.90
CA LYS A 99 7.81 -1.08 4.21
C LYS A 99 6.34 -0.74 4.12
N TRP A 100 5.65 -0.81 5.26
CA TRP A 100 4.22 -0.55 5.30
C TRP A 100 3.88 0.46 6.40
N PHE A 101 2.87 1.29 6.10
CA PHE A 101 2.36 2.30 7.02
C PHE A 101 0.88 2.08 7.28
N LEU A 102 0.49 2.25 8.55
CA LEU A 102 -0.89 2.18 8.98
C LEU A 102 -1.38 3.61 9.23
N LEU A 103 -2.39 4.05 8.49
CA LEU A 103 -2.92 5.41 8.59
C LEU A 103 -4.38 5.35 9.01
N GLN A 104 -4.73 6.14 10.02
CA GLN A 104 -6.14 6.34 10.33
C GLN A 104 -6.66 7.51 9.52
N LEU A 105 -7.76 7.30 8.80
CA LEU A 105 -8.41 8.39 8.10
C LEU A 105 -9.23 9.21 9.09
N VAL A 106 -8.88 10.48 9.27
CA VAL A 106 -9.59 11.30 10.25
C VAL A 106 -10.43 12.40 9.62
N SER A 107 -10.28 12.64 8.32
CA SER A 107 -10.95 13.74 7.63
C SER A 107 -12.28 13.36 6.99
N GLY A 108 -12.66 12.09 6.99
CA GLY A 108 -13.94 11.84 6.36
C GLY A 108 -13.80 11.35 4.93
N ASP A 109 -14.76 10.51 4.52
CA ASP A 109 -14.62 9.74 3.28
C ASP A 109 -14.58 10.61 2.05
N ALA A 110 -15.21 11.79 2.11
CA ALA A 110 -15.30 12.67 0.95
C ALA A 110 -13.95 13.21 0.50
N GLU A 111 -12.93 13.15 1.37
CA GLU A 111 -11.62 13.68 1.00
C GLU A 111 -10.83 12.72 0.12
N ILE A 112 -11.22 11.45 0.07
CA ILE A 112 -10.54 10.53 -0.82
C ILE A 112 -10.77 10.99 -2.26
N ASN A 113 -9.69 11.14 -3.01
CA ASN A 113 -9.77 11.59 -4.41
C ASN A 113 -8.73 10.81 -5.20
N MET A 114 -9.19 9.86 -5.99
CA MET A 114 -8.26 9.03 -6.75
C MET A 114 -7.93 9.61 -8.10
N GLN A 115 -8.37 10.84 -8.37
CA GLN A 115 -8.16 11.47 -9.66
C GLN A 115 -7.27 12.70 -9.56
N THR A 116 -6.16 12.61 -8.83
CA THR A 116 -5.24 13.74 -8.80
C THR A 116 -4.36 13.78 -10.04
N SER A 117 -4.63 12.90 -11.00
CA SER A 117 -3.91 12.85 -12.27
C SER A 117 -4.87 12.46 -13.38
N SER A 118 -4.46 12.74 -14.62
CA SER A 118 -5.20 12.26 -15.79
C SER A 118 -5.00 10.77 -16.02
N THR A 119 -4.01 10.16 -15.39
CA THR A 119 -3.76 8.71 -15.47
C THR A 119 -3.72 8.12 -14.07
N PRO A 120 -4.88 7.96 -13.44
CA PRO A 120 -4.90 7.51 -12.04
C PRO A 120 -4.55 6.05 -11.87
N GLU A 121 -4.04 5.73 -10.67
CA GLU A 121 -3.71 4.36 -10.33
C GLU A 121 -4.97 3.53 -10.09
N PHE A 122 -5.98 4.16 -9.49
CA PHE A 122 -7.18 3.47 -9.02
C PHE A 122 -8.41 4.17 -9.58
N ASP A 123 -9.53 3.43 -9.66
CA ASP A 123 -10.79 4.04 -10.08
C ASP A 123 -11.95 3.65 -9.16
N GLY A 124 -11.66 3.29 -7.93
CA GLY A 124 -12.71 2.98 -6.98
C GLY A 124 -12.11 2.49 -5.68
N TRP A 125 -12.91 2.58 -4.62
CA TRP A 125 -12.46 2.16 -3.30
C TRP A 125 -13.66 1.73 -2.48
N ARG A 126 -13.40 0.89 -1.48
CA ARG A 126 -14.41 0.37 -0.56
C ARG A 126 -13.79 0.18 0.82
N TRP A 127 -14.59 0.39 1.87
CA TRP A 127 -14.23 -0.09 3.19
C TRP A 127 -14.52 -1.57 3.29
N VAL A 128 -13.54 -2.35 3.77
CA VAL A 128 -13.70 -3.79 3.87
C VAL A 128 -13.27 -4.32 5.23
N SER A 129 -13.74 -5.53 5.56
CA SER A 129 -13.34 -6.16 6.81
C SER A 129 -11.85 -6.49 6.80
N TYR A 130 -11.33 -6.77 7.99
CA TYR A 130 -9.89 -6.64 8.22
C TYR A 130 -9.06 -7.63 7.41
N TRP A 131 -9.51 -8.88 7.28
CA TRP A 131 -8.77 -9.88 6.53
C TRP A 131 -9.23 -9.98 5.09
N TYR A 132 -10.24 -9.19 4.67
CA TYR A 132 -10.67 -9.25 3.27
C TYR A 132 -9.52 -9.01 2.30
N PRO A 133 -8.61 -8.05 2.52
CA PRO A 133 -7.47 -7.92 1.62
C PRO A 133 -6.64 -9.19 1.50
N VAL A 134 -6.43 -9.91 2.61
CA VAL A 134 -5.67 -11.16 2.54
C VAL A 134 -6.39 -12.17 1.67
N ARG A 135 -7.73 -12.23 1.78
CA ARG A 135 -8.52 -13.17 1.02
C ARG A 135 -8.56 -12.83 -0.47
N GLN A 136 -8.40 -11.55 -0.83
CA GLN A 136 -8.66 -11.13 -2.21
C GLN A 136 -7.45 -10.65 -2.99
N VAL A 137 -6.30 -10.42 -2.34
CA VAL A 137 -5.15 -9.90 -3.07
C VAL A 137 -4.58 -10.98 -3.98
N VAL A 138 -3.95 -10.54 -5.08
CA VAL A 138 -3.27 -11.48 -5.97
C VAL A 138 -2.36 -12.40 -5.17
N SER A 139 -2.29 -13.67 -5.58
CA SER A 139 -1.73 -14.68 -4.69
C SER A 139 -0.28 -14.37 -4.31
N PHE A 140 0.51 -13.80 -5.22
CA PHE A 140 1.92 -13.64 -4.89
C PHE A 140 2.18 -12.56 -3.85
N LYS A 141 1.18 -11.75 -3.48
CA LYS A 141 1.29 -10.80 -2.38
C LYS A 141 0.67 -11.29 -1.07
N ARG A 142 0.13 -12.50 -1.04
CA ARG A 142 -0.69 -12.90 0.10
C ARG A 142 0.15 -13.07 1.36
N ASP A 143 1.34 -13.64 1.24
CA ASP A 143 2.20 -13.82 2.41
C ASP A 143 2.58 -12.48 3.02
N VAL A 144 2.89 -11.49 2.18
CA VAL A 144 3.21 -10.16 2.70
C VAL A 144 1.99 -9.56 3.36
N TYR A 145 0.83 -9.61 2.70
CA TYR A 145 -0.38 -9.02 3.26
C TYR A 145 -0.73 -9.63 4.62
N ARG A 146 -0.59 -10.95 4.77
CA ARG A 146 -0.86 -11.56 6.08
C ARG A 146 0.00 -10.93 7.15
N ARG A 147 1.30 -10.79 6.88
CA ARG A 147 2.21 -10.27 7.88
C ARG A 147 1.94 -8.79 8.16
N VAL A 148 1.58 -8.01 7.13
CA VAL A 148 1.23 -6.60 7.33
C VAL A 148 0.01 -6.48 8.22
N MET A 149 -1.07 -7.20 7.87
CA MET A 149 -2.31 -7.05 8.61
C MET A 149 -2.14 -7.52 10.04
N ALA A 150 -1.38 -8.60 10.25
CA ALA A 150 -1.15 -9.07 11.62
C ALA A 150 -0.32 -8.06 12.40
N ALA A 151 0.68 -7.47 11.76
CA ALA A 151 1.49 -6.46 12.43
C ALA A 151 0.64 -5.28 12.92
N PHE A 152 -0.40 -4.92 12.16
CA PHE A 152 -1.21 -3.74 12.45
C PHE A 152 -2.46 -4.05 13.26
N ALA A 153 -2.75 -5.33 13.52
CA ALA A 153 -4.06 -5.72 14.04
C ALA A 153 -4.36 -5.10 15.40
N SER A 154 -3.41 -5.20 16.34
CA SER A 154 -3.66 -4.72 17.69
C SER A 154 -3.91 -3.22 17.71
N VAL A 155 -3.18 -2.47 16.87
CA VAL A 155 -3.38 -1.03 16.83
C VAL A 155 -4.76 -0.71 16.24
N VAL A 156 -5.14 -1.38 15.16
CA VAL A 156 -6.43 -1.10 14.55
C VAL A 156 -7.56 -1.43 15.52
N MET A 157 -7.44 -2.56 16.21
CA MET A 157 -8.45 -2.93 17.20
C MET A 157 -8.53 -1.91 18.33
N SER A 158 -7.40 -1.32 18.70
CA SER A 158 -7.40 -0.34 19.79
C SER A 158 -8.24 0.89 19.45
N LEU A 159 -8.61 1.08 18.19
CA LEU A 159 -9.43 2.25 17.83
C LEU A 159 -10.92 2.03 18.04
N GLN A 160 -11.34 0.80 18.29
CA GLN A 160 -12.76 0.49 18.39
C GLN A 160 -13.24 0.60 19.84
#